data_3LIG
#
_entry.id   3LIG
#
_cell.length_a   98.405
_cell.length_b   110.777
_cell.length_c   66.514
_cell.angle_alpha   90.00
_cell.angle_beta   90.00
_cell.angle_gamma   90.00
#
_symmetry.space_group_name_H-M   'P 21 21 2'
#
loop_
_entity.id
_entity.type
_entity.pdbx_description
1 polymer Fructosyltransferase
2 water water
#
_entity_poly.entity_id   1
_entity_poly.type   'polypeptide(L)'
_entity_poly.pdbx_seq_one_letter_code
;SYHLDTTAPPPTNLSTLPNNTLFHLWRPRAHILPAEGQIGDPCAHYTDPSTGLFHVGFLHDGDGIAGATTANLATYTDTS
DNGSFLIQPGGKNDPVAVFDGAVIPVGVNNTPTLLYTSVSFLPIHWSIPYTRGSETQSLAVARDGGRRFDKLDQGPVIAD
HPFAVDVTAFRAPFVFRSARLDVLLSLDEEVARNETAVQQAVDGWTEKNAPWYVAVSGGVHGVGPAQFLYRQNGGNASEF
QYWEYLGEWWQEATNSSWGDEGTWAGRWGFNFETGNVLFLTEEGHDPQTGEVFVTLGTEGSGLPIVPQVSSIHDMLWAAG
EVGVGSEQEGAKVEFSPSMAGFLDWGFSAYAAAGKVLPASSAVSKTSGVEVDRYVSFVWLTGDQYEQADGFPTAQQGWTG
SLLLPRELKVQTVENVVDNELVREEGVSWVVGESDNQTATLRTLGITIARETKAALLANGSVTAEEDRTLQTAAVVPFAQ
SPSSKFFVLTAQLEFPASARSSPLQSGFEILASELERTAIYYQFSNESLVVDRSQTSAAAPTNPGLDSFTESGKLRLFDV
IENGQEQVETLDLTVVVDNAVVEVYANGRFALSTWARSWYDNSTQIRFFHNGEGEVQFRNVSVSEGLYNAWPER
;
_entity_poly.pdbx_strand_id   A
#
# COMPACT_ATOMS: atom_id res chain seq x y z
N SER A 1 -15.43 -18.72 -36.47
CA SER A 1 -15.75 -18.05 -35.17
C SER A 1 -14.55 -18.21 -34.23
N TYR A 2 -14.21 -17.14 -33.51
CA TYR A 2 -13.06 -17.18 -32.61
C TYR A 2 -13.35 -17.72 -31.21
N HIS A 3 -12.55 -18.67 -30.77
CA HIS A 3 -12.68 -19.22 -29.43
C HIS A 3 -11.27 -19.04 -28.89
N LEU A 4 -11.17 -18.49 -27.69
CA LEU A 4 -9.89 -18.21 -27.08
C LEU A 4 -8.85 -19.32 -27.13
N ASP A 5 -7.70 -18.97 -27.67
CA ASP A 5 -6.58 -19.90 -27.77
C ASP A 5 -5.32 -19.09 -27.52
N THR A 6 -4.77 -19.22 -26.32
CA THR A 6 -3.57 -18.47 -25.94
C THR A 6 -2.26 -19.15 -26.35
N THR A 7 -2.33 -20.00 -27.37
CA THR A 7 -1.13 -20.64 -27.91
C THR A 7 -1.03 -20.04 -29.31
N ALA A 8 -2.11 -19.38 -29.71
CA ALA A 8 -2.21 -18.74 -31.02
C ALA A 8 -2.11 -17.23 -30.85
N PRO A 9 -1.83 -16.49 -31.93
CA PRO A 9 -1.73 -15.03 -31.82
C PRO A 9 -3.02 -14.36 -31.36
N PRO A 10 -2.88 -13.31 -30.55
CA PRO A 10 -4.04 -12.58 -30.05
C PRO A 10 -4.75 -11.85 -31.17
N PRO A 11 -6.09 -11.79 -31.12
CA PRO A 11 -6.79 -11.08 -32.18
C PRO A 11 -6.35 -9.62 -32.11
N THR A 12 -6.45 -8.89 -33.21
CA THR A 12 -6.02 -7.50 -33.18
C THR A 12 -6.83 -6.65 -32.19
N ASN A 13 -8.14 -6.87 -32.11
CA ASN A 13 -8.96 -6.09 -31.18
C ASN A 13 -9.63 -6.96 -30.10
N LEU A 14 -9.04 -6.94 -28.90
CA LEU A 14 -9.56 -7.72 -27.78
C LEU A 14 -10.95 -7.24 -27.32
N SER A 15 -11.24 -5.97 -27.58
CA SER A 15 -12.51 -5.39 -27.16
C SER A 15 -13.72 -5.79 -28.01
N THR A 16 -13.50 -6.61 -29.03
CA THR A 16 -14.60 -7.06 -29.88
C THR A 16 -15.03 -8.47 -29.48
N LEU A 17 -14.30 -9.06 -28.54
CA LEU A 17 -14.57 -10.42 -28.07
C LEU A 17 -15.80 -10.51 -27.16
N PRO A 18 -16.39 -11.71 -27.02
CA PRO A 18 -17.56 -11.89 -26.17
C PRO A 18 -17.27 -11.63 -24.69
N ASN A 19 -18.31 -11.27 -23.93
CA ASN A 19 -18.15 -11.01 -22.51
C ASN A 19 -17.52 -12.17 -21.75
N ASN A 20 -16.62 -11.82 -20.83
CA ASN A 20 -15.93 -12.78 -19.98
C ASN A 20 -14.96 -13.71 -20.67
N THR A 21 -14.73 -13.51 -21.96
CA THR A 21 -13.82 -14.38 -22.70
C THR A 21 -12.44 -14.42 -22.05
N LEU A 22 -12.01 -13.29 -21.50
CA LEU A 22 -10.69 -13.17 -20.87
C LEU A 22 -10.68 -13.28 -19.34
N PHE A 23 -11.75 -13.82 -18.77
CA PHE A 23 -11.85 -13.93 -17.32
C PHE A 23 -10.65 -14.55 -16.58
N HIS A 24 -10.07 -15.62 -17.13
CA HIS A 24 -8.95 -16.30 -16.47
C HIS A 24 -7.55 -15.98 -16.95
N LEU A 25 -7.46 -15.35 -18.12
CA LEU A 25 -6.19 -15.02 -18.75
C LEU A 25 -5.11 -14.40 -17.86
N TRP A 26 -5.49 -13.38 -17.10
CA TRP A 26 -4.54 -12.67 -16.24
C TRP A 26 -4.93 -12.69 -14.76
N ARG A 27 -5.94 -13.46 -14.41
CA ARG A 27 -6.44 -13.51 -13.03
C ARG A 27 -5.54 -14.24 -12.01
N PRO A 28 -5.23 -13.58 -10.87
CA PRO A 28 -4.38 -14.20 -9.86
C PRO A 28 -5.15 -15.27 -9.06
N ARG A 29 -4.43 -16.08 -8.31
CA ARG A 29 -5.06 -17.13 -7.50
C ARG A 29 -4.81 -16.97 -6.01
N ALA A 30 -3.78 -16.19 -5.68
CA ALA A 30 -3.39 -16.00 -4.29
C ALA A 30 -3.56 -14.56 -3.81
N HIS A 31 -4.38 -13.77 -4.51
CA HIS A 31 -4.60 -12.38 -4.12
C HIS A 31 -6.04 -12.13 -3.72
N ILE A 32 -6.25 -11.00 -3.06
CA ILE A 32 -7.57 -10.61 -2.62
C ILE A 32 -8.29 -9.78 -3.70
N LEU A 33 -9.41 -10.31 -4.18
CA LEU A 33 -10.25 -9.64 -5.16
C LEU A 33 -11.62 -10.28 -5.12
N PRO A 34 -12.65 -9.58 -5.58
CA PRO A 34 -14.02 -10.12 -5.58
C PRO A 34 -14.20 -11.26 -6.58
N ALA A 35 -15.25 -12.06 -6.42
CA ALA A 35 -15.51 -13.18 -7.32
C ALA A 35 -15.54 -12.75 -8.79
N GLU A 36 -15.98 -11.52 -9.02
CA GLU A 36 -16.07 -10.93 -10.35
C GLU A 36 -16.24 -9.44 -10.11
N GLY A 37 -16.28 -8.65 -11.18
CA GLY A 37 -16.46 -7.23 -11.03
C GLY A 37 -15.21 -6.47 -10.65
N GLN A 38 -15.36 -5.17 -10.39
CA GLN A 38 -14.19 -4.37 -10.06
C GLN A 38 -14.03 -4.10 -8.58
N ILE A 39 -12.78 -3.91 -8.18
CA ILE A 39 -12.46 -3.64 -6.80
C ILE A 39 -11.81 -2.27 -6.71
N GLY A 40 -12.24 -1.51 -5.72
CA GLY A 40 -11.72 -0.18 -5.48
C GLY A 40 -10.89 -0.19 -4.21
N ASP A 41 -10.81 0.95 -3.54
CA ASP A 41 -10.01 1.07 -2.32
C ASP A 41 -10.34 0.01 -1.28
N PRO A 42 -9.32 -0.55 -0.63
CA PRO A 42 -9.57 -1.54 0.41
C PRO A 42 -9.93 -0.66 1.61
N CYS A 43 -10.62 -1.14 2.57
CA CYS A 43 -11.00 -0.37 3.76
C CYS A 43 -11.79 -1.22 4.71
N ALA A 44 -12.16 -0.62 5.86
CA ALA A 44 -13.01 -1.28 6.84
C ALA A 44 -12.50 -2.59 7.45
N HIS A 45 -11.17 -2.76 7.51
CA HIS A 45 -10.61 -3.98 8.08
C HIS A 45 -10.73 -3.94 9.60
N TYR A 46 -10.78 -5.12 10.22
CA TYR A 46 -10.87 -5.19 11.66
C TYR A 46 -10.84 -6.61 12.17
N THR A 47 -10.26 -6.77 13.36
CA THR A 47 -10.20 -8.07 14.01
C THR A 47 -11.44 -8.10 14.89
N ASP A 48 -12.30 -9.10 14.67
CA ASP A 48 -13.53 -9.26 15.46
C ASP A 48 -13.14 -9.80 16.84
N PRO A 49 -13.36 -9.01 17.91
CA PRO A 49 -13.03 -9.39 19.28
C PRO A 49 -13.54 -10.79 19.67
N SER A 50 -14.82 -11.01 19.43
CA SER A 50 -15.47 -12.28 19.76
C SER A 50 -14.92 -13.53 19.09
N THR A 51 -14.72 -13.47 17.79
CA THR A 51 -14.23 -14.61 17.02
C THR A 51 -12.72 -14.58 16.80
N GLY A 52 -12.13 -13.39 16.81
CA GLY A 52 -10.70 -13.28 16.58
C GLY A 52 -10.40 -13.35 15.09
N LEU A 53 -11.45 -13.44 14.28
CA LEU A 53 -11.31 -13.51 12.84
C LEU A 53 -10.97 -12.12 12.30
N PHE A 54 -10.13 -12.07 11.27
CA PHE A 54 -9.77 -10.78 10.68
C PHE A 54 -10.70 -10.54 9.50
N HIS A 55 -11.36 -9.39 9.49
CA HIS A 55 -12.26 -9.05 8.40
C HIS A 55 -11.59 -8.07 7.45
N VAL A 56 -11.77 -8.32 6.16
CA VAL A 56 -11.19 -7.45 5.14
C VAL A 56 -12.32 -6.76 4.40
N GLY A 57 -12.11 -5.50 4.01
CA GLY A 57 -13.14 -4.80 3.27
C GLY A 57 -12.56 -4.09 2.05
N PHE A 58 -13.42 -3.72 1.12
CA PHE A 58 -13.00 -3.02 -0.07
C PHE A 58 -14.19 -2.52 -0.86
N LEU A 59 -14.01 -1.40 -1.55
CA LEU A 59 -15.09 -0.86 -2.36
C LEU A 59 -15.22 -1.85 -3.52
N HIS A 60 -16.45 -2.09 -3.97
CA HIS A 60 -16.70 -3.05 -5.03
C HIS A 60 -17.74 -2.54 -6.02
N ASP A 61 -17.37 -2.46 -7.31
CA ASP A 61 -18.26 -1.98 -8.35
C ASP A 61 -18.83 -0.58 -8.12
N GLY A 62 -18.09 0.24 -7.37
CA GLY A 62 -18.50 1.60 -7.08
C GLY A 62 -19.88 1.65 -6.46
N ASP A 63 -20.26 0.57 -5.78
CA ASP A 63 -21.59 0.50 -5.19
C ASP A 63 -21.58 0.07 -3.73
N GLY A 64 -20.55 0.49 -3.01
CA GLY A 64 -20.45 0.16 -1.60
C GLY A 64 -19.22 -0.64 -1.19
N ILE A 65 -19.21 -1.04 0.07
CA ILE A 65 -18.11 -1.81 0.62
C ILE A 65 -18.48 -3.28 0.73
N ALA A 66 -17.61 -4.17 0.22
CA ALA A 66 -17.84 -5.60 0.32
C ALA A 66 -16.80 -6.16 1.29
N GLY A 67 -16.99 -7.40 1.74
CA GLY A 67 -16.04 -7.96 2.67
C GLY A 67 -15.74 -9.44 2.59
N ALA A 68 -14.79 -9.86 3.41
CA ALA A 68 -14.38 -11.24 3.51
C ALA A 68 -13.69 -11.41 4.85
N THR A 69 -13.47 -12.67 5.25
CA THR A 69 -12.81 -12.95 6.51
C THR A 69 -11.71 -13.98 6.32
N THR A 70 -10.82 -14.04 7.29
CA THR A 70 -9.73 -15.01 7.25
C THR A 70 -9.38 -15.39 8.67
N ALA A 71 -9.04 -16.66 8.86
CA ALA A 71 -8.67 -17.12 10.19
C ALA A 71 -7.17 -17.34 10.29
N ASN A 72 -6.46 -17.18 9.17
CA ASN A 72 -5.01 -17.43 9.12
C ASN A 72 -4.19 -16.40 8.34
N LEU A 73 -4.88 -15.53 7.61
CA LEU A 73 -4.24 -14.52 6.78
C LEU A 73 -3.49 -15.21 5.66
N ALA A 74 -4.04 -16.41 5.22
CA ALA A 74 -3.53 -17.19 4.10
C ALA A 74 -4.73 -17.48 3.18
N THR A 75 -5.93 -17.77 3.63
CA THR A 75 -7.12 -18.07 2.86
C THR A 75 -8.25 -17.20 3.35
N TYR A 76 -9.16 -16.85 2.44
CA TYR A 76 -10.28 -15.98 2.76
C TYR A 76 -11.61 -16.58 2.35
N THR A 77 -12.67 -16.05 2.95
CA THR A 77 -14.02 -16.49 2.68
C THR A 77 -14.92 -15.27 2.55
N ASP A 78 -15.70 -15.23 1.47
CA ASP A 78 -16.61 -14.11 1.24
C ASP A 78 -17.65 -14.05 2.33
N THR A 79 -18.04 -12.84 2.72
CA THR A 79 -19.06 -12.72 3.75
C THR A 79 -20.40 -13.23 3.24
N SER A 80 -20.63 -13.07 1.93
CA SER A 80 -21.88 -13.52 1.31
C SER A 80 -21.75 -13.56 -0.20
N ASP A 81 -22.77 -14.07 -0.86
CA ASP A 81 -22.76 -14.14 -2.30
C ASP A 81 -23.31 -12.84 -2.86
N ASN A 82 -23.58 -12.85 -4.16
CA ASN A 82 -24.12 -11.70 -4.88
C ASN A 82 -23.33 -10.41 -4.59
N GLY A 83 -22.02 -10.47 -4.72
CA GLY A 83 -21.23 -9.29 -4.47
C GLY A 83 -20.58 -9.26 -3.10
N SER A 84 -21.19 -9.94 -2.13
CA SER A 84 -20.64 -10.00 -0.78
C SER A 84 -20.57 -8.60 -0.14
N PHE A 85 -21.56 -7.76 -0.44
CA PHE A 85 -21.59 -6.39 0.10
C PHE A 85 -21.93 -6.32 1.59
N LEU A 86 -21.38 -5.31 2.25
CA LEU A 86 -21.62 -5.08 3.67
C LEU A 86 -22.55 -3.86 3.82
N ILE A 87 -22.31 -2.84 2.99
CA ILE A 87 -23.11 -1.63 3.05
C ILE A 87 -23.11 -0.96 1.68
N GLN A 88 -24.27 -0.46 1.27
CA GLN A 88 -24.39 0.18 -0.04
C GLN A 88 -25.10 1.53 0.06
N PRO A 89 -24.95 2.39 -0.98
CA PRO A 89 -25.62 3.69 -0.91
C PRO A 89 -27.13 3.59 -1.08
N GLY A 90 -27.82 4.70 -0.84
CA GLY A 90 -29.26 4.70 -0.97
C GLY A 90 -29.95 5.08 0.34
N GLY A 91 -29.15 5.39 1.35
CA GLY A 91 -29.71 5.79 2.62
C GLY A 91 -29.91 7.29 2.61
N LYS A 92 -30.35 7.85 3.73
CA LYS A 92 -30.57 9.28 3.81
C LYS A 92 -29.26 10.06 3.83
N ASN A 93 -28.23 9.50 4.45
CA ASN A 93 -26.94 10.18 4.52
C ASN A 93 -26.04 9.93 3.31
N ASP A 94 -26.27 8.82 2.62
CA ASP A 94 -25.46 8.44 1.46
C ASP A 94 -26.34 8.08 0.26
N PRO A 95 -27.17 9.02 -0.21
CA PRO A 95 -28.04 8.75 -1.35
C PRO A 95 -27.30 8.44 -2.64
N VAL A 96 -26.11 9.02 -2.79
CA VAL A 96 -25.32 8.84 -4.01
C VAL A 96 -24.23 7.78 -3.98
N ALA A 97 -23.45 7.73 -2.90
CA ALA A 97 -22.38 6.74 -2.83
C ALA A 97 -21.86 6.50 -1.44
N VAL A 98 -21.14 5.38 -1.30
CA VAL A 98 -20.52 4.99 -0.03
C VAL A 98 -19.02 4.93 -0.30
N PHE A 99 -18.26 5.78 0.37
CA PHE A 99 -16.81 5.81 0.20
C PHE A 99 -16.09 5.09 1.35
N ASP A 100 -14.76 5.16 1.38
CA ASP A 100 -13.97 4.48 2.41
C ASP A 100 -14.42 4.74 3.84
N GLY A 101 -14.13 3.76 4.70
CA GLY A 101 -14.47 3.82 6.11
C GLY A 101 -13.54 2.93 6.94
N ALA A 102 -13.62 3.02 8.26
CA ALA A 102 -12.79 2.21 9.15
C ALA A 102 -13.66 1.71 10.29
N VAL A 103 -13.22 0.65 10.97
CA VAL A 103 -14.01 0.05 12.04
C VAL A 103 -13.42 0.10 13.46
N ILE A 104 -14.28 0.41 14.42
CA ILE A 104 -13.92 0.42 15.82
C ILE A 104 -14.48 -0.93 16.24
N PRO A 105 -13.62 -1.88 16.65
CA PRO A 105 -14.07 -3.22 17.05
C PRO A 105 -15.16 -3.23 18.13
N VAL A 106 -14.98 -2.43 19.16
CA VAL A 106 -15.96 -2.37 20.24
C VAL A 106 -16.55 -0.95 20.25
N GLY A 107 -17.67 -0.76 19.58
CA GLY A 107 -18.26 0.57 19.52
C GLY A 107 -19.68 0.64 20.02
N VAL A 108 -20.56 1.20 19.19
CA VAL A 108 -21.96 1.32 19.55
C VAL A 108 -22.49 -0.09 19.84
N ASN A 109 -23.32 -0.21 20.89
CA ASN A 109 -23.87 -1.49 21.29
C ASN A 109 -22.75 -2.50 21.53
N ASN A 110 -21.56 -1.98 21.83
CA ASN A 110 -20.38 -2.81 22.08
C ASN A 110 -20.09 -3.74 20.92
N THR A 111 -20.45 -3.34 19.71
CA THR A 111 -20.17 -4.15 18.53
C THR A 111 -19.36 -3.38 17.49
N PRO A 112 -18.81 -4.08 16.50
CA PRO A 112 -18.01 -3.46 15.44
C PRO A 112 -18.76 -2.27 14.85
N THR A 113 -18.13 -1.11 14.88
CA THR A 113 -18.74 0.10 14.37
C THR A 113 -17.96 0.71 13.23
N LEU A 114 -18.64 0.92 12.11
CA LEU A 114 -18.03 1.51 10.93
C LEU A 114 -18.28 3.02 10.88
N LEU A 115 -17.22 3.78 10.65
CA LEU A 115 -17.31 5.23 10.52
C LEU A 115 -16.85 5.39 9.07
N TYR A 116 -17.78 5.78 8.20
CA TYR A 116 -17.47 5.89 6.79
C TYR A 116 -17.96 7.17 6.15
N THR A 117 -17.44 7.45 4.96
CA THR A 117 -17.83 8.64 4.24
C THR A 117 -19.10 8.41 3.44
N SER A 118 -20.17 9.10 3.82
CA SER A 118 -21.44 8.99 3.12
C SER A 118 -21.49 10.14 2.13
N VAL A 119 -21.76 9.82 0.87
CA VAL A 119 -21.76 10.80 -0.21
C VAL A 119 -23.16 11.18 -0.72
N SER A 120 -23.37 12.48 -0.90
CA SER A 120 -24.67 13.01 -1.33
C SER A 120 -24.63 13.82 -2.62
N PHE A 121 -23.43 14.22 -3.03
CA PHE A 121 -23.26 15.02 -4.25
C PHE A 121 -22.03 14.61 -5.05
N LEU A 122 -22.13 14.78 -6.37
CA LEU A 122 -21.05 14.50 -7.32
C LEU A 122 -21.17 15.54 -8.43
N PRO A 123 -20.07 15.84 -9.12
CA PRO A 123 -18.72 15.27 -8.95
C PRO A 123 -17.95 15.81 -7.74
N ILE A 124 -16.88 15.10 -7.40
CA ILE A 124 -16.00 15.49 -6.31
C ILE A 124 -14.57 15.35 -6.80
N HIS A 125 -13.82 16.45 -6.81
CA HIS A 125 -12.42 16.41 -7.23
C HIS A 125 -11.71 17.65 -6.70
N TRP A 126 -10.42 17.53 -6.44
CA TRP A 126 -9.66 18.64 -5.91
C TRP A 126 -9.48 19.81 -6.87
N SER A 127 -9.58 19.51 -8.17
CA SER A 127 -9.40 20.50 -9.23
C SER A 127 -10.66 21.28 -9.61
N ILE A 128 -11.75 21.05 -8.89
CA ILE A 128 -13.00 21.75 -9.17
C ILE A 128 -13.62 22.20 -7.86
N PRO A 129 -14.63 23.09 -7.92
CA PRO A 129 -15.28 23.57 -6.69
C PRO A 129 -15.89 22.42 -5.90
N TYR A 130 -15.83 22.52 -4.59
CA TYR A 130 -16.40 21.51 -3.71
C TYR A 130 -17.84 21.87 -3.41
N THR A 131 -18.73 20.88 -3.54
CA THR A 131 -20.14 21.11 -3.24
C THR A 131 -20.40 20.82 -1.76
N ARG A 132 -20.86 21.82 -1.03
CA ARG A 132 -21.14 21.67 0.40
C ARG A 132 -22.01 20.45 0.62
N GLY A 133 -21.64 19.61 1.60
CA GLY A 133 -22.42 18.43 1.92
C GLY A 133 -22.14 17.19 1.10
N SER A 134 -21.19 17.29 0.18
CA SER A 134 -20.82 16.19 -0.69
C SER A 134 -20.39 14.97 0.11
N GLU A 135 -19.55 15.19 1.12
CA GLU A 135 -19.04 14.10 1.95
C GLU A 135 -19.27 14.36 3.43
N THR A 136 -19.84 13.38 4.12
CA THR A 136 -20.08 13.48 5.55
C THR A 136 -19.62 12.14 6.12
N GLN A 137 -19.50 12.03 7.44
CA GLN A 137 -19.07 10.76 8.00
C GLN A 137 -20.20 10.19 8.84
N SER A 138 -20.60 8.96 8.51
CA SER A 138 -21.73 8.30 9.18
C SER A 138 -21.33 7.00 9.86
N LEU A 139 -22.23 6.52 10.73
CA LEU A 139 -22.00 5.28 11.47
C LEU A 139 -22.90 4.15 11.04
N ALA A 140 -22.36 2.94 11.12
CA ALA A 140 -23.08 1.73 10.80
C ALA A 140 -22.55 0.69 11.79
N VAL A 141 -23.39 -0.27 12.16
CA VAL A 141 -23.00 -1.28 13.12
C VAL A 141 -23.07 -2.68 12.50
N ALA A 142 -22.10 -3.53 12.85
CA ALA A 142 -22.03 -4.88 12.32
C ALA A 142 -23.19 -5.75 12.80
N ARG A 143 -23.66 -6.64 11.91
CA ARG A 143 -24.74 -7.56 12.22
C ARG A 143 -24.37 -8.89 11.60
N ASP A 144 -25.02 -9.96 12.05
CA ASP A 144 -24.77 -11.31 11.53
C ASP A 144 -23.29 -11.62 11.29
N GLY A 145 -22.49 -11.54 12.36
CA GLY A 145 -21.07 -11.84 12.27
C GLY A 145 -20.26 -10.94 11.34
N GLY A 146 -20.70 -9.69 11.20
CA GLY A 146 -19.99 -8.76 10.33
C GLY A 146 -20.30 -8.98 8.86
N ARG A 147 -21.26 -9.86 8.58
CA ARG A 147 -21.61 -10.15 7.19
C ARG A 147 -22.45 -9.01 6.61
N ARG A 148 -22.74 -8.03 7.44
CA ARG A 148 -23.53 -6.88 7.02
C ARG A 148 -23.33 -5.76 8.02
N PHE A 149 -23.44 -4.53 7.54
CA PHE A 149 -23.32 -3.37 8.41
C PHE A 149 -24.57 -2.52 8.26
N ASP A 150 -25.32 -2.40 9.34
CA ASP A 150 -26.55 -1.62 9.35
C ASP A 150 -26.28 -0.17 9.70
N LYS A 151 -26.81 0.74 8.87
CA LYS A 151 -26.62 2.16 9.10
C LYS A 151 -27.42 2.59 10.31
N LEU A 152 -26.81 3.40 11.18
CA LEU A 152 -27.55 3.87 12.33
C LEU A 152 -28.60 4.81 11.77
N ASP A 153 -29.79 4.76 12.36
CA ASP A 153 -30.90 5.58 11.90
C ASP A 153 -30.85 7.01 12.40
N GLN A 154 -29.86 7.74 11.92
CA GLN A 154 -29.65 9.14 12.26
C GLN A 154 -28.75 9.73 11.19
N GLY A 155 -28.58 11.05 11.20
CA GLY A 155 -27.71 11.70 10.24
C GLY A 155 -26.25 11.42 10.57
N PRO A 156 -25.29 11.98 9.80
CA PRO A 156 -23.85 11.78 10.01
C PRO A 156 -23.35 12.33 11.35
N VAL A 157 -22.38 11.65 11.95
CA VAL A 157 -21.83 12.08 13.25
C VAL A 157 -20.86 13.24 13.09
N ILE A 158 -20.36 13.43 11.87
CA ILE A 158 -19.51 14.54 11.51
C ILE A 158 -20.22 14.95 10.21
N ALA A 159 -21.15 15.88 10.34
CA ALA A 159 -21.99 16.31 9.22
C ALA A 159 -21.46 17.41 8.32
N ASP A 160 -20.23 17.86 8.54
CA ASP A 160 -19.70 18.95 7.73
C ASP A 160 -18.19 19.01 7.91
N HIS A 161 -17.52 19.63 6.94
CA HIS A 161 -16.07 19.79 7.01
C HIS A 161 -15.83 20.96 7.95
N PRO A 162 -14.58 21.14 8.43
CA PRO A 162 -14.25 22.24 9.34
C PRO A 162 -14.92 23.54 8.92
N PHE A 163 -15.47 24.26 9.89
CA PHE A 163 -16.21 25.49 9.60
C PHE A 163 -15.55 26.49 8.67
N ALA A 164 -16.22 26.76 7.55
CA ALA A 164 -15.79 27.75 6.56
C ALA A 164 -14.47 27.46 5.84
N VAL A 165 -13.95 26.24 6.01
CA VAL A 165 -12.71 25.85 5.34
C VAL A 165 -13.05 25.26 3.99
N ASP A 166 -12.50 25.86 2.94
CA ASP A 166 -12.73 25.44 1.57
C ASP A 166 -11.97 24.16 1.21
N VAL A 167 -12.43 23.03 1.73
CA VAL A 167 -11.77 21.75 1.47
C VAL A 167 -11.84 21.28 0.03
N THR A 168 -10.82 20.52 -0.36
CA THR A 168 -10.75 19.95 -1.70
C THR A 168 -11.42 18.58 -1.64
N ALA A 169 -11.44 18.02 -0.43
CA ALA A 169 -12.02 16.70 -0.17
C ALA A 169 -12.13 16.52 1.33
N PHE A 170 -13.00 15.61 1.77
CA PHE A 170 -13.17 15.35 3.19
C PHE A 170 -13.67 13.94 3.37
N ARG A 171 -12.81 12.97 3.11
CA ARG A 171 -13.22 11.58 3.15
C ARG A 171 -12.18 10.58 3.69
N ALA A 172 -12.62 9.32 3.75
CA ALA A 172 -11.80 8.20 4.20
C ALA A 172 -11.33 8.24 5.64
N PRO A 173 -12.28 8.42 6.59
CA PRO A 173 -11.89 8.47 8.01
C PRO A 173 -11.18 7.20 8.44
N PHE A 174 -10.13 7.37 9.23
CA PHE A 174 -9.34 6.24 9.73
C PHE A 174 -9.28 6.39 11.24
N VAL A 175 -9.67 5.35 11.97
CA VAL A 175 -9.66 5.40 13.43
C VAL A 175 -8.42 4.79 14.03
N PHE A 176 -7.96 5.35 15.15
CA PHE A 176 -6.78 4.84 15.81
C PHE A 176 -6.66 5.39 17.23
N ARG A 177 -5.89 4.70 18.07
CA ARG A 177 -5.67 5.12 19.46
C ARG A 177 -4.21 5.50 19.60
N SER A 178 -3.92 6.42 20.52
CA SER A 178 -2.54 6.86 20.70
C SER A 178 -2.22 7.38 22.09
N ALA A 179 -1.16 6.83 22.67
CA ALA A 179 -0.72 7.25 23.99
C ALA A 179 -0.21 8.68 23.93
N ARG A 180 0.65 8.94 22.94
CA ARG A 180 1.23 10.26 22.81
C ARG A 180 0.21 11.37 22.57
N LEU A 181 -0.78 11.14 21.72
CA LEU A 181 -1.76 12.18 21.49
C LEU A 181 -2.57 12.39 22.77
N ASP A 182 -2.93 11.30 23.44
CA ASP A 182 -3.67 11.42 24.68
C ASP A 182 -2.86 12.27 25.67
N VAL A 183 -1.56 11.98 25.78
CA VAL A 183 -0.69 12.72 26.70
C VAL A 183 -0.60 14.20 26.34
N LEU A 184 -0.30 14.49 25.07
CA LEU A 184 -0.18 15.87 24.62
C LEU A 184 -1.43 16.69 24.90
N LEU A 185 -2.58 16.08 24.67
CA LEU A 185 -3.86 16.77 24.88
C LEU A 185 -4.25 16.95 26.35
N SER A 186 -3.71 16.13 27.24
CA SER A 186 -4.04 16.25 28.66
C SER A 186 -3.07 17.19 29.39
N LEU A 187 -1.79 17.12 29.04
CA LEU A 187 -0.76 17.95 29.68
C LEU A 187 -0.88 19.44 29.40
N ASP A 188 -0.44 20.25 30.36
CA ASP A 188 -0.47 21.70 30.22
C ASP A 188 0.41 22.01 29.01
N GLU A 189 0.11 23.08 28.29
CA GLU A 189 0.88 23.46 27.10
C GLU A 189 2.40 23.51 27.29
N GLU A 190 2.87 24.36 28.22
CA GLU A 190 4.29 24.48 28.49
C GLU A 190 4.93 23.23 29.08
N VAL A 191 4.11 22.29 29.52
CA VAL A 191 4.59 21.03 30.08
C VAL A 191 4.67 20.06 28.92
N ALA A 192 3.65 20.11 28.07
CA ALA A 192 3.57 19.26 26.90
C ALA A 192 4.71 19.61 25.94
N ARG A 193 5.60 20.50 26.37
CA ARG A 193 6.75 20.90 25.56
C ARG A 193 7.92 19.97 25.85
N ASN A 194 8.46 20.06 27.07
CA ASN A 194 9.59 19.20 27.45
C ASN A 194 9.24 17.73 27.25
N GLU A 195 10.04 17.06 26.43
CA GLU A 195 9.85 15.64 26.13
C GLU A 195 9.81 14.77 27.39
N THR A 196 10.61 15.14 28.39
CA THR A 196 10.69 14.38 29.63
C THR A 196 9.36 14.15 30.33
N ALA A 197 8.64 15.22 30.65
CA ALA A 197 7.35 15.08 31.30
C ALA A 197 6.40 14.22 30.46
N VAL A 198 6.38 14.48 29.16
CA VAL A 198 5.51 13.77 28.21
C VAL A 198 5.73 12.25 28.25
N GLN A 199 6.94 11.82 27.94
CA GLN A 199 7.29 10.40 27.92
C GLN A 199 6.93 9.68 29.23
N GLN A 200 7.02 10.40 30.35
CA GLN A 200 6.69 9.81 31.65
C GLN A 200 5.21 9.50 31.75
N ALA A 201 4.39 10.38 31.16
CA ALA A 201 2.94 10.22 31.13
C ALA A 201 2.57 9.01 30.27
N VAL A 202 3.23 8.92 29.12
CA VAL A 202 3.03 7.84 28.15
C VAL A 202 3.30 6.46 28.78
N ASP A 203 4.36 6.37 29.58
CA ASP A 203 4.70 5.11 30.20
C ASP A 203 3.54 4.45 30.95
N GLY A 204 2.69 5.26 31.57
CA GLY A 204 1.58 4.70 32.32
C GLY A 204 0.24 4.70 31.62
N TRP A 205 0.27 4.87 30.30
CA TRP A 205 -0.95 4.91 29.49
C TRP A 205 -1.52 3.51 29.23
N THR A 206 -2.85 3.40 29.28
CA THR A 206 -3.51 2.12 29.06
C THR A 206 -4.48 2.18 27.89
N GLU A 207 -4.22 1.33 26.91
CA GLU A 207 -4.97 1.24 25.67
C GLU A 207 -6.48 0.98 25.76
N LYS A 208 -6.87 -0.06 26.49
CA LYS A 208 -8.29 -0.43 26.64
C LYS A 208 -9.31 0.71 26.84
N ASN A 209 -8.95 1.70 27.63
CA ASN A 209 -9.85 2.81 27.94
C ASN A 209 -9.57 4.14 27.24
N ALA A 210 -8.60 4.17 26.34
CA ALA A 210 -8.23 5.39 25.64
C ALA A 210 -9.25 5.79 24.56
N PRO A 211 -9.36 7.08 24.27
CA PRO A 211 -10.34 7.49 23.23
C PRO A 211 -9.85 7.26 21.80
N TRP A 212 -10.80 7.25 20.87
CA TRP A 212 -10.51 7.06 19.46
C TRP A 212 -10.26 8.38 18.73
N TYR A 213 -9.28 8.37 17.84
CA TYR A 213 -8.94 9.53 17.03
C TYR A 213 -9.41 9.21 15.62
N VAL A 214 -9.73 10.24 14.85
CA VAL A 214 -10.15 10.01 13.47
C VAL A 214 -9.40 10.95 12.55
N ALA A 215 -8.74 10.40 11.56
CA ALA A 215 -8.03 11.21 10.58
C ALA A 215 -8.81 11.15 9.28
N VAL A 216 -9.32 12.29 8.83
CA VAL A 216 -10.07 12.37 7.58
C VAL A 216 -9.13 13.01 6.54
N SER A 217 -9.14 12.53 5.31
CA SER A 217 -8.23 13.07 4.30
C SER A 217 -8.78 14.05 3.27
N GLY A 218 -7.92 14.96 2.84
CA GLY A 218 -8.31 15.93 1.84
C GLY A 218 -7.28 17.00 1.61
N GLY A 219 -7.72 18.25 1.72
CA GLY A 219 -6.84 19.38 1.51
C GLY A 219 -7.67 20.63 1.54
N VAL A 220 -7.04 21.75 1.21
CA VAL A 220 -7.73 23.03 1.22
C VAL A 220 -7.41 23.77 -0.06
N HIS A 221 -8.44 24.23 -0.75
CA HIS A 221 -8.28 24.98 -1.99
C HIS A 221 -7.34 26.17 -1.79
N GLY A 222 -6.36 26.28 -2.68
CA GLY A 222 -5.42 27.39 -2.62
C GLY A 222 -4.38 27.34 -1.52
N VAL A 223 -4.40 26.21 -0.78
CA VAL A 223 -3.43 26.11 0.31
C VAL A 223 -2.65 24.82 0.18
N GLY A 224 -3.29 23.75 0.03
CA GLY A 224 -2.59 22.49 -0.11
C GLY A 224 -3.28 21.33 0.58
N PRO A 225 -2.80 20.11 0.30
CA PRO A 225 -3.35 18.89 0.89
C PRO A 225 -3.20 18.85 2.41
N ALA A 226 -4.08 18.13 3.09
CA ALA A 226 -4.01 18.03 4.54
C ALA A 226 -4.84 16.87 5.09
N GLN A 227 -4.64 16.60 6.38
CA GLN A 227 -5.38 15.58 7.09
C GLN A 227 -6.09 16.29 8.23
N PHE A 228 -7.38 16.06 8.34
CA PHE A 228 -8.19 16.68 9.39
C PHE A 228 -8.30 15.70 10.55
N LEU A 229 -7.91 16.15 11.74
CA LEU A 229 -7.94 15.28 12.91
C LEU A 229 -9.10 15.55 13.87
N TYR A 230 -9.71 14.47 14.35
CA TYR A 230 -10.82 14.53 15.29
C TYR A 230 -10.59 13.47 16.36
N ARG A 231 -11.38 13.55 17.42
CA ARG A 231 -11.33 12.54 18.47
C ARG A 231 -12.63 12.59 19.26
N GLN A 232 -13.00 11.45 19.83
CA GLN A 232 -14.21 11.36 20.64
C GLN A 232 -14.20 12.60 21.54
N ASN A 233 -15.29 13.35 21.48
CA ASN A 233 -15.40 14.60 22.23
C ASN A 233 -14.93 14.49 23.68
N GLY A 234 -14.07 15.42 24.07
CA GLY A 234 -13.54 15.46 25.43
C GLY A 234 -12.66 14.29 25.80
N GLY A 235 -12.29 13.48 24.82
CA GLY A 235 -11.44 12.33 25.10
C GLY A 235 -12.23 11.26 25.82
N ASN A 236 -13.55 11.28 25.65
CA ASN A 236 -14.43 10.30 26.29
C ASN A 236 -14.60 9.05 25.43
N ALA A 237 -13.95 7.95 25.82
CA ALA A 237 -14.01 6.68 25.08
C ALA A 237 -15.40 6.13 24.78
N SER A 238 -16.43 6.63 25.48
CA SER A 238 -17.80 6.16 25.26
C SER A 238 -18.61 7.09 24.38
N GLU A 239 -18.00 8.19 23.96
CA GLU A 239 -18.67 9.17 23.11
C GLU A 239 -18.50 8.84 21.61
N PHE A 240 -19.57 8.39 20.97
CA PHE A 240 -19.51 8.04 19.56
C PHE A 240 -20.35 8.99 18.72
N GLN A 241 -21.10 9.85 19.38
CA GLN A 241 -21.94 10.79 18.67
C GLN A 241 -21.17 12.04 18.27
N TYR A 242 -20.45 12.61 19.24
CA TYR A 242 -19.72 13.84 18.97
C TYR A 242 -18.21 13.68 18.90
N TRP A 243 -17.63 14.24 17.85
CA TRP A 243 -16.20 14.17 17.62
C TRP A 243 -15.61 15.57 17.55
N GLU A 244 -14.77 15.90 18.52
CA GLU A 244 -14.21 17.23 18.51
C GLU A 244 -13.10 17.37 17.48
N TYR A 245 -13.09 18.51 16.80
CA TYR A 245 -12.12 18.79 15.77
C TYR A 245 -10.84 19.29 16.43
N LEU A 246 -9.73 18.62 16.12
CA LEU A 246 -8.44 19.00 16.69
C LEU A 246 -7.58 19.79 15.70
N GLY A 247 -8.13 20.07 14.52
CA GLY A 247 -7.42 20.83 13.51
C GLY A 247 -6.72 20.03 12.43
N GLU A 248 -6.03 20.75 11.55
CA GLU A 248 -5.27 20.14 10.46
C GLU A 248 -3.89 19.73 10.97
N TRP A 249 -3.85 18.60 11.67
CA TRP A 249 -2.63 18.10 12.28
C TRP A 249 -1.48 17.87 11.30
N TRP A 250 -1.78 17.84 10.00
CA TRP A 250 -0.75 17.70 8.98
C TRP A 250 -1.19 18.31 7.66
N GLN A 251 -0.44 19.31 7.23
CA GLN A 251 -0.71 20.00 5.99
C GLN A 251 0.61 20.31 5.29
N GLU A 252 0.58 20.31 3.96
CA GLU A 252 1.75 20.60 3.13
C GLU A 252 1.27 21.56 2.04
N ALA A 253 2.13 22.49 1.64
CA ALA A 253 1.74 23.44 0.61
C ALA A 253 1.46 22.74 -0.71
N THR A 254 0.51 23.29 -1.46
CA THR A 254 0.11 22.74 -2.73
C THR A 254 1.26 22.26 -3.61
N ASN A 255 1.20 20.98 -3.93
CA ASN A 255 2.18 20.31 -4.78
C ASN A 255 3.63 20.46 -4.37
N SER A 256 3.88 20.65 -3.07
CA SER A 256 5.24 20.73 -2.59
C SER A 256 5.67 19.27 -2.52
N SER A 257 6.84 18.99 -1.97
CA SER A 257 7.28 17.60 -1.90
C SER A 257 8.39 17.39 -0.89
N TRP A 258 8.55 16.14 -0.47
CA TRP A 258 9.58 15.80 0.49
C TRP A 258 10.93 15.87 -0.17
N GLY A 259 11.82 16.68 0.39
CA GLY A 259 13.15 16.81 -0.18
C GLY A 259 13.14 17.89 -1.25
N ASP A 260 14.33 18.37 -1.59
CA ASP A 260 14.45 19.44 -2.57
C ASP A 260 14.03 19.11 -4.00
N GLU A 261 14.25 17.89 -4.48
CA GLU A 261 13.88 17.61 -5.84
C GLU A 261 12.81 16.56 -6.11
N GLY A 262 12.03 16.22 -5.09
CA GLY A 262 10.96 15.23 -5.23
C GLY A 262 11.54 13.92 -5.69
N THR A 263 12.65 13.53 -5.08
CA THR A 263 13.38 12.33 -5.45
C THR A 263 13.03 11.01 -4.77
N TRP A 264 12.86 11.05 -3.46
CA TRP A 264 12.60 9.83 -2.71
C TRP A 264 11.17 9.57 -2.28
N ALA A 265 10.44 10.58 -2.30
CA ALA A 265 9.05 10.43 -1.86
C ALA A 265 8.04 11.19 -2.69
N GLY A 266 8.12 11.15 -4.12
CA GLY A 266 7.21 11.82 -5.04
C GLY A 266 6.90 13.24 -4.59
N ARG A 267 5.62 13.61 -4.63
CA ARG A 267 5.17 14.92 -4.22
C ARG A 267 3.92 14.77 -3.36
N TRP A 268 3.65 15.77 -2.52
CA TRP A 268 2.47 15.78 -1.67
C TRP A 268 1.26 16.05 -2.56
N GLY A 269 1.51 16.65 -3.71
CA GLY A 269 0.43 16.90 -4.63
C GLY A 269 -0.61 17.91 -4.22
N PHE A 270 -1.81 17.73 -4.77
CA PHE A 270 -2.92 18.65 -4.53
C PHE A 270 -3.98 18.19 -3.52
N ASN A 271 -3.93 16.92 -3.14
CA ASN A 271 -4.93 16.37 -2.24
C ASN A 271 -4.43 15.08 -1.60
N PHE A 272 -4.78 14.88 -0.33
CA PHE A 272 -4.38 13.67 0.37
C PHE A 272 -5.55 12.70 0.38
N GLU A 273 -5.25 11.42 0.18
CA GLU A 273 -6.29 10.42 0.18
C GLU A 273 -5.91 9.25 1.09
N THR A 274 -6.91 8.57 1.52
CA THR A 274 -6.78 7.38 2.36
C THR A 274 -5.63 7.39 3.35
N GLY A 275 -5.67 8.25 4.21
CA GLY A 275 -4.60 8.31 5.20
C GLY A 275 -4.77 7.24 6.27
N ASN A 276 -3.66 6.65 6.69
CA ASN A 276 -3.65 5.63 7.74
C ASN A 276 -2.67 6.15 8.79
N VAL A 277 -2.97 5.98 10.08
CA VAL A 277 -2.02 6.41 11.10
C VAL A 277 -1.60 5.16 11.84
N LEU A 278 -0.29 4.97 11.96
CA LEU A 278 0.30 3.79 12.59
C LEU A 278 1.30 4.19 13.66
N PHE A 279 1.64 3.24 14.54
CA PHE A 279 2.61 3.47 15.60
C PHE A 279 3.45 2.22 15.58
N LEU A 280 4.62 2.32 14.95
CA LEU A 280 5.50 1.19 14.78
C LEU A 280 6.73 1.08 15.68
N THR A 281 7.15 -0.16 15.89
CA THR A 281 8.31 -0.52 16.69
C THR A 281 9.13 -1.38 15.74
N GLU A 282 10.26 -1.89 16.22
CA GLU A 282 11.11 -2.73 15.37
C GLU A 282 10.58 -4.16 15.29
N GLU A 283 9.42 -4.41 15.90
CA GLU A 283 8.82 -5.75 15.88
C GLU A 283 7.41 -5.71 15.26
N GLY A 284 6.75 -4.56 15.38
CA GLY A 284 5.41 -4.45 14.85
C GLY A 284 4.69 -3.17 15.23
N HIS A 285 3.50 -3.31 15.80
CA HIS A 285 2.66 -2.17 16.16
C HIS A 285 2.44 -2.02 17.66
N ASP A 286 2.51 -0.78 18.15
CA ASP A 286 2.30 -0.46 19.56
C ASP A 286 1.95 1.03 19.67
N PRO A 287 0.71 1.37 20.07
CA PRO A 287 0.31 2.78 20.19
C PRO A 287 0.91 3.50 21.39
N GLN A 288 1.62 2.77 22.22
CA GLN A 288 2.22 3.37 23.40
C GLN A 288 3.69 3.63 23.15
N THR A 289 4.40 2.63 22.65
CA THR A 289 5.84 2.76 22.38
C THR A 289 6.24 2.93 20.92
N GLY A 290 5.29 2.76 20.00
CA GLY A 290 5.62 2.87 18.59
C GLY A 290 5.77 4.28 18.06
N GLU A 291 6.59 4.45 17.03
CA GLU A 291 6.80 5.75 16.41
C GLU A 291 5.68 6.00 15.41
N VAL A 292 5.26 7.26 15.29
CA VAL A 292 4.20 7.64 14.38
C VAL A 292 4.61 7.56 12.91
N PHE A 293 3.82 6.81 12.15
CA PHE A 293 4.02 6.65 10.72
C PHE A 293 2.65 6.90 10.13
N VAL A 294 2.62 7.37 8.89
CA VAL A 294 1.36 7.64 8.21
C VAL A 294 1.52 7.19 6.77
N THR A 295 0.57 6.41 6.24
CA THR A 295 0.66 6.04 4.84
C THR A 295 -0.46 6.85 4.21
N LEU A 296 -0.30 7.21 2.95
CA LEU A 296 -1.33 8.00 2.30
C LEU A 296 -1.12 8.04 0.81
N GLY A 297 -2.19 8.34 0.10
CA GLY A 297 -2.08 8.47 -1.33
C GLY A 297 -2.10 9.97 -1.59
N THR A 298 -1.38 10.42 -2.61
CA THR A 298 -1.38 11.83 -2.95
C THR A 298 -1.75 11.95 -4.42
N GLU A 299 -2.65 12.89 -4.72
CA GLU A 299 -3.09 13.11 -6.09
C GLU A 299 -2.22 14.19 -6.72
N GLY A 300 -1.59 13.85 -7.84
CA GLY A 300 -0.71 14.81 -8.49
C GLY A 300 -1.10 15.13 -9.91
N SER A 301 -0.40 16.09 -10.50
CA SER A 301 -0.69 16.49 -11.87
C SER A 301 0.38 17.38 -12.46
N GLY A 302 0.51 17.31 -13.77
CA GLY A 302 1.47 18.16 -14.46
C GLY A 302 0.73 19.46 -14.75
N LEU A 303 1.40 20.37 -15.45
CA LEU A 303 0.80 21.65 -15.80
C LEU A 303 0.87 21.79 -17.31
N PRO A 304 -0.21 22.28 -17.93
CA PRO A 304 -1.46 22.70 -17.28
C PRO A 304 -2.26 21.54 -16.71
N ILE A 305 -2.95 21.83 -15.62
CA ILE A 305 -3.81 20.85 -14.96
C ILE A 305 -5.02 20.65 -15.85
N VAL A 306 -5.47 19.41 -15.96
CA VAL A 306 -6.68 19.10 -16.74
C VAL A 306 -7.73 18.79 -15.67
N PRO A 307 -8.64 19.73 -15.40
CA PRO A 307 -9.68 19.51 -14.39
C PRO A 307 -10.34 18.14 -14.41
N GLN A 308 -10.49 17.59 -13.20
CA GLN A 308 -11.09 16.29 -12.95
C GLN A 308 -10.20 15.11 -13.34
N VAL A 309 -8.93 15.41 -13.57
CA VAL A 309 -7.96 14.39 -13.91
C VAL A 309 -6.72 14.47 -13.01
N SER A 310 -6.48 13.42 -12.23
CA SER A 310 -5.30 13.34 -11.37
C SER A 310 -4.38 12.43 -12.19
N SER A 311 -3.29 12.97 -12.73
CA SER A 311 -2.39 12.18 -13.56
C SER A 311 -1.42 11.31 -12.78
N ILE A 312 -1.22 11.63 -11.51
CA ILE A 312 -0.30 10.90 -10.64
C ILE A 312 -0.95 10.45 -9.34
N HIS A 313 -0.89 9.15 -9.06
CA HIS A 313 -1.45 8.62 -7.82
C HIS A 313 -0.28 7.98 -7.06
N ASP A 314 0.36 8.74 -6.17
CA ASP A 314 1.49 8.24 -5.38
C ASP A 314 1.07 7.56 -4.07
N MET A 315 1.61 6.37 -3.83
CA MET A 315 1.32 5.62 -2.62
C MET A 315 2.51 5.82 -1.67
N LEU A 316 2.42 6.88 -0.87
CA LEU A 316 3.46 7.26 0.07
C LEU A 316 3.31 6.84 1.53
N TRP A 317 4.35 7.15 2.29
CA TRP A 317 4.41 6.91 3.72
C TRP A 317 5.34 7.96 4.31
N ALA A 318 5.12 8.30 5.57
CA ALA A 318 5.93 9.28 6.27
C ALA A 318 6.08 8.82 7.72
N ALA A 319 7.22 9.14 8.32
CA ALA A 319 7.49 8.80 9.70
C ALA A 319 7.89 10.12 10.34
N GLY A 320 7.63 10.28 11.62
CA GLY A 320 7.99 11.53 12.27
C GLY A 320 7.63 11.58 13.73
N GLU A 321 7.37 12.79 14.23
CA GLU A 321 7.04 12.96 15.63
C GLU A 321 5.79 13.84 15.74
N VAL A 322 5.07 13.69 16.84
CA VAL A 322 3.89 14.50 17.06
C VAL A 322 4.14 15.44 18.23
N GLY A 323 3.73 16.69 18.09
CA GLY A 323 3.90 17.69 19.14
C GLY A 323 2.67 18.55 19.29
N VAL A 324 2.63 19.38 20.32
CA VAL A 324 1.49 20.24 20.54
C VAL A 324 1.51 21.36 19.51
N GLY A 325 0.40 21.94 19.27
CA GLY A 325 0.20 23.00 18.30
C GLY A 325 0.69 24.30 18.91
N SER A 326 2.04 24.08 19.35
CA SER A 326 3.05 25.14 19.47
C SER A 326 2.59 26.37 20.23
N GLU A 327 2.75 27.52 19.57
CA GLU A 327 2.23 28.82 20.03
C GLU A 327 1.36 29.48 18.96
N GLN A 328 0.20 28.88 18.72
CA GLN A 328 -0.82 29.32 17.76
C GLN A 328 -2.24 28.95 18.13
N GLU A 329 -3.18 29.34 17.29
CA GLU A 329 -4.60 29.02 17.48
C GLU A 329 -4.99 28.10 16.30
N GLY A 330 -4.06 27.22 15.95
CA GLY A 330 -4.27 26.30 14.84
C GLY A 330 -4.54 24.87 15.32
N ALA A 331 -3.81 23.90 14.78
CA ALA A 331 -4.03 22.50 15.19
C ALA A 331 -3.59 22.32 16.64
N LYS A 332 -4.30 21.46 17.39
CA LYS A 332 -3.94 21.24 18.79
C LYS A 332 -2.70 20.36 18.88
N VAL A 333 -2.47 19.58 17.84
CA VAL A 333 -1.33 18.70 17.73
C VAL A 333 -0.97 18.69 16.26
N GLU A 334 0.32 18.51 15.96
CA GLU A 334 0.77 18.52 14.58
C GLU A 334 1.76 17.39 14.34
N PHE A 335 1.70 16.82 13.13
CA PHE A 335 2.60 15.75 12.72
C PHE A 335 3.72 16.41 11.92
N SER A 336 4.97 16.09 12.28
CA SER A 336 6.13 16.65 11.59
C SER A 336 6.97 15.54 11.00
N PRO A 337 6.93 15.36 9.68
CA PRO A 337 7.72 14.30 9.04
C PRO A 337 9.23 14.48 9.25
N SER A 338 9.94 13.37 9.35
CA SER A 338 11.39 13.35 9.52
C SER A 338 11.98 12.55 8.35
N MET A 339 11.14 11.72 7.74
CA MET A 339 11.53 10.90 6.60
C MET A 339 10.26 10.43 5.89
N ALA A 340 10.35 10.17 4.60
CA ALA A 340 9.21 9.72 3.81
C ALA A 340 9.64 8.89 2.61
N GLY A 341 8.71 8.11 2.07
CA GLY A 341 9.02 7.28 0.93
C GLY A 341 7.76 6.72 0.28
N PHE A 342 7.91 5.61 -0.43
CA PHE A 342 6.77 4.96 -1.10
C PHE A 342 6.47 3.61 -0.46
N LEU A 343 5.17 3.31 -0.29
CA LEU A 343 4.76 2.03 0.27
C LEU A 343 4.84 1.05 -0.90
N ASP A 344 4.56 1.57 -2.08
CA ASP A 344 4.66 0.79 -3.31
C ASP A 344 4.89 1.80 -4.44
N TRP A 345 5.96 1.60 -5.21
CA TRP A 345 6.31 2.49 -6.30
C TRP A 345 5.51 2.27 -7.58
N GLY A 346 4.61 1.29 -7.57
CA GLY A 346 3.81 1.02 -8.75
C GLY A 346 2.90 2.15 -9.17
N PHE A 347 2.89 2.45 -10.47
CA PHE A 347 2.03 3.49 -11.01
C PHE A 347 0.58 3.27 -10.58
N SER A 348 0.15 2.02 -10.72
CA SER A 348 -1.23 1.63 -10.40
C SER A 348 -1.45 1.21 -8.96
N ALA A 349 -0.43 1.32 -8.12
CA ALA A 349 -0.54 0.95 -6.70
C ALA A 349 -0.98 2.20 -5.96
N TYR A 350 -1.98 2.07 -5.08
CA TYR A 350 -2.51 3.24 -4.37
C TYR A 350 -3.51 2.84 -3.28
N ALA A 351 -4.09 3.85 -2.65
CA ALA A 351 -5.13 3.69 -1.62
C ALA A 351 -4.96 2.60 -0.55
N ALA A 352 -3.75 2.43 -0.03
CA ALA A 352 -3.53 1.41 0.99
C ALA A 352 -4.39 1.60 2.25
N ALA A 353 -4.97 0.50 2.72
CA ALA A 353 -5.80 0.51 3.91
C ALA A 353 -5.26 -0.61 4.80
N GLY A 354 -4.82 -0.27 6.01
CA GLY A 354 -4.29 -1.28 6.90
C GLY A 354 -5.02 -1.31 8.22
N LYS A 355 -4.56 -2.14 9.14
CA LYS A 355 -5.20 -2.26 10.43
C LYS A 355 -4.32 -3.02 11.39
N VAL A 356 -4.53 -2.78 12.68
CA VAL A 356 -3.75 -3.49 13.67
C VAL A 356 -4.26 -4.92 13.66
N LEU A 357 -3.34 -5.86 13.81
CA LEU A 357 -3.67 -7.28 13.87
C LEU A 357 -3.10 -7.73 15.20
N PRO A 358 -3.94 -7.75 16.23
CA PRO A 358 -3.62 -8.14 17.61
C PRO A 358 -2.99 -9.52 17.72
N ALA A 359 -2.06 -9.66 18.66
CA ALA A 359 -1.43 -10.95 18.88
C ALA A 359 -2.53 -11.91 19.35
N SER A 360 -3.62 -11.34 19.85
CA SER A 360 -4.74 -12.14 20.34
C SER A 360 -5.68 -12.61 19.25
N SER A 361 -5.44 -12.19 18.01
CA SER A 361 -6.29 -12.58 16.89
C SER A 361 -6.22 -14.07 16.64
N ALA A 362 -7.23 -14.61 15.97
CA ALA A 362 -7.27 -16.03 15.65
C ALA A 362 -6.08 -16.33 14.74
N VAL A 363 -5.76 -15.35 13.89
CA VAL A 363 -4.64 -15.48 12.96
C VAL A 363 -3.30 -15.61 13.67
N SER A 364 -3.00 -14.66 14.55
CA SER A 364 -1.74 -14.68 15.29
C SER A 364 -1.59 -15.85 16.25
N LYS A 365 -2.69 -16.28 16.87
CA LYS A 365 -2.66 -17.42 17.78
C LYS A 365 -2.30 -18.70 17.01
N THR A 366 -2.83 -18.82 15.80
CA THR A 366 -2.57 -20.00 14.99
C THR A 366 -1.13 -20.06 14.47
N SER A 367 -0.59 -18.92 14.05
CA SER A 367 0.78 -18.87 13.54
C SER A 367 1.79 -18.66 14.66
N GLY A 368 1.27 -18.41 15.86
CA GLY A 368 2.11 -18.21 17.04
C GLY A 368 2.87 -16.90 17.15
N VAL A 369 2.28 -15.81 16.64
CA VAL A 369 2.91 -14.49 16.70
C VAL A 369 2.51 -13.87 18.03
N GLU A 370 3.51 -13.48 18.83
CA GLU A 370 3.26 -12.92 20.16
C GLU A 370 3.19 -11.40 20.22
N VAL A 371 3.30 -10.74 19.07
CA VAL A 371 3.24 -9.29 19.05
C VAL A 371 2.13 -8.78 18.15
N ASP A 372 1.71 -7.54 18.38
CA ASP A 372 0.69 -6.93 17.56
C ASP A 372 1.41 -6.49 16.29
N ARG A 373 0.72 -6.57 15.17
CA ARG A 373 1.31 -6.18 13.89
C ARG A 373 0.41 -5.18 13.20
N TYR A 374 0.92 -4.58 12.14
CA TYR A 374 0.13 -3.66 11.34
C TYR A 374 0.20 -4.23 9.94
N VAL A 375 -0.91 -4.77 9.48
CA VAL A 375 -0.99 -5.36 8.15
C VAL A 375 -1.65 -4.35 7.23
N SER A 376 -1.01 -4.08 6.10
CA SER A 376 -1.52 -3.11 5.14
C SER A 376 -1.85 -3.75 3.79
N PHE A 377 -3.01 -3.40 3.23
CA PHE A 377 -3.46 -3.92 1.94
C PHE A 377 -3.44 -2.78 0.92
N VAL A 378 -2.58 -2.89 -0.09
CA VAL A 378 -2.47 -1.85 -1.12
C VAL A 378 -3.37 -2.16 -2.31
N TRP A 379 -3.93 -1.12 -2.90
CA TRP A 379 -4.80 -1.29 -4.06
C TRP A 379 -3.99 -1.24 -5.35
N LEU A 380 -4.36 -2.09 -6.30
CA LEU A 380 -3.74 -2.09 -7.61
C LEU A 380 -4.89 -1.90 -8.59
N THR A 381 -5.14 -0.66 -8.99
CA THR A 381 -6.26 -0.39 -9.91
C THR A 381 -6.06 -1.22 -11.17
N GLY A 382 -7.17 -1.73 -11.73
CA GLY A 382 -7.04 -2.55 -12.92
C GLY A 382 -7.06 -1.81 -14.24
N ASP A 383 -7.47 -0.54 -14.20
CA ASP A 383 -7.58 0.26 -15.42
C ASP A 383 -6.97 1.66 -15.33
N GLN A 384 -5.81 1.76 -14.69
CA GLN A 384 -5.14 3.05 -14.55
C GLN A 384 -6.08 4.13 -14.00
N TYR A 385 -6.78 3.79 -12.92
CA TYR A 385 -7.69 4.75 -12.30
C TYR A 385 -8.77 5.21 -13.29
N GLU A 386 -9.29 4.26 -14.07
CA GLU A 386 -10.33 4.52 -15.05
C GLU A 386 -9.90 5.49 -16.17
N GLN A 387 -8.60 5.50 -16.45
CA GLN A 387 -8.02 6.33 -17.48
C GLN A 387 -7.46 5.48 -18.62
N ALA A 388 -7.59 4.16 -18.51
CA ALA A 388 -7.06 3.28 -19.55
C ALA A 388 -7.70 3.64 -20.90
N ASP A 389 -6.97 3.35 -21.98
CA ASP A 389 -7.43 3.62 -23.33
C ASP A 389 -8.16 2.42 -23.94
N GLY A 390 -9.38 2.19 -23.46
CA GLY A 390 -10.18 1.09 -23.97
C GLY A 390 -9.74 -0.31 -23.55
N PHE A 391 -9.54 -0.51 -22.26
CA PHE A 391 -9.15 -1.84 -21.79
C PHE A 391 -10.36 -2.75 -22.03
N PRO A 392 -10.13 -4.02 -22.39
CA PRO A 392 -11.21 -4.97 -22.65
C PRO A 392 -11.89 -5.43 -21.36
N THR A 393 -12.45 -4.46 -20.64
CA THR A 393 -13.11 -4.71 -19.38
C THR A 393 -14.28 -5.69 -19.47
N ALA A 394 -15.15 -5.51 -20.45
CA ALA A 394 -16.29 -6.41 -20.60
C ALA A 394 -15.81 -7.84 -20.87
N GLN A 395 -14.70 -7.96 -21.60
CA GLN A 395 -14.15 -9.28 -21.93
C GLN A 395 -13.51 -9.99 -20.75
N GLN A 396 -12.94 -9.20 -19.83
CA GLN A 396 -12.30 -9.77 -18.67
C GLN A 396 -13.28 -10.15 -17.58
N GLY A 397 -14.37 -9.39 -17.46
CA GLY A 397 -15.37 -9.67 -16.45
C GLY A 397 -14.99 -9.27 -15.03
N TRP A 398 -13.85 -8.60 -14.88
CA TRP A 398 -13.39 -8.14 -13.57
C TRP A 398 -12.31 -7.07 -13.75
N THR A 399 -12.11 -6.26 -12.72
CA THR A 399 -11.15 -5.17 -12.79
C THR A 399 -10.46 -4.98 -11.44
N GLY A 400 -9.13 -4.92 -11.47
CA GLY A 400 -8.38 -4.68 -10.24
C GLY A 400 -8.19 -5.81 -9.24
N SER A 401 -7.30 -5.58 -8.28
CA SER A 401 -6.99 -6.54 -7.23
C SER A 401 -6.27 -5.81 -6.11
N LEU A 402 -6.17 -6.44 -4.95
CA LEU A 402 -5.42 -5.84 -3.86
C LEU A 402 -4.08 -6.55 -3.97
N LEU A 403 -3.05 -6.00 -3.35
CA LEU A 403 -1.77 -6.66 -3.39
C LEU A 403 -1.70 -7.55 -2.16
N LEU A 404 -0.65 -8.33 -2.05
CA LEU A 404 -0.49 -9.22 -0.90
C LEU A 404 -0.45 -8.43 0.40
N PRO A 405 -1.02 -8.99 1.48
CA PRO A 405 -1.03 -8.33 2.79
C PRO A 405 0.43 -8.06 3.17
N ARG A 406 0.72 -6.88 3.69
CA ARG A 406 2.10 -6.53 4.05
C ARG A 406 2.27 -6.09 5.49
N GLU A 407 3.31 -6.61 6.12
CA GLU A 407 3.62 -6.25 7.51
C GLU A 407 4.49 -5.00 7.49
N LEU A 408 4.04 -3.98 8.21
CA LEU A 408 4.76 -2.72 8.32
C LEU A 408 5.35 -2.62 9.71
N LYS A 409 6.62 -2.25 9.81
CA LYS A 409 7.29 -2.10 11.10
C LYS A 409 8.47 -1.19 10.89
N VAL A 410 9.24 -0.95 11.94
CA VAL A 410 10.42 -0.13 11.79
C VAL A 410 11.55 -1.08 11.42
N GLN A 411 12.16 -0.85 10.27
CA GLN A 411 13.27 -1.70 9.84
C GLN A 411 14.57 -0.94 10.03
N THR A 412 15.59 -1.63 10.53
CA THR A 412 16.90 -1.02 10.73
C THR A 412 17.88 -1.61 9.73
N VAL A 413 18.88 -0.82 9.36
CA VAL A 413 19.92 -1.26 8.44
C VAL A 413 21.18 -0.99 9.26
N GLU A 414 21.94 -2.02 9.56
CA GLU A 414 23.13 -1.82 10.39
C GLU A 414 24.43 -1.90 9.61
N ASN A 415 25.51 -1.42 10.23
CA ASN A 415 26.83 -1.49 9.61
C ASN A 415 26.98 -0.66 8.35
N VAL A 416 26.21 0.41 8.26
CA VAL A 416 26.27 1.28 7.09
C VAL A 416 27.35 2.34 7.20
N VAL A 417 28.21 2.41 6.19
CA VAL A 417 29.28 3.39 6.16
C VAL A 417 28.65 4.78 6.12
N ASP A 418 28.96 5.60 7.11
CA ASP A 418 28.41 6.95 7.20
C ASP A 418 29.04 7.92 6.21
N ASN A 419 28.55 7.92 4.97
CA ASN A 419 29.06 8.84 3.96
C ASN A 419 27.91 9.58 3.31
N GLU A 420 28.16 10.23 2.18
CA GLU A 420 27.13 11.00 1.50
C GLU A 420 25.87 10.21 1.14
N LEU A 421 26.03 8.92 0.83
CA LEU A 421 24.91 8.07 0.49
C LEU A 421 23.91 8.03 1.63
N VAL A 422 24.44 8.23 2.85
CA VAL A 422 23.65 8.22 4.07
C VAL A 422 23.15 9.60 4.50
N ARG A 423 23.90 10.64 4.13
CA ARG A 423 23.57 11.99 4.55
C ARG A 423 22.79 12.89 3.61
N GLU A 424 22.39 12.36 2.47
CA GLU A 424 21.63 13.13 1.51
C GLU A 424 20.36 13.65 2.18
N GLU A 425 19.99 14.89 1.88
CA GLU A 425 18.80 15.47 2.48
C GLU A 425 17.54 14.97 1.77
N GLY A 426 16.43 15.00 2.48
CA GLY A 426 15.16 14.58 1.93
C GLY A 426 15.08 13.12 1.51
N VAL A 427 15.52 12.22 2.39
CA VAL A 427 15.51 10.80 2.08
C VAL A 427 14.43 9.99 2.81
N SER A 428 14.45 8.68 2.60
CA SER A 428 13.48 7.76 3.21
C SER A 428 14.00 7.01 4.43
N TRP A 429 15.02 7.55 5.07
CA TRP A 429 15.58 6.94 6.25
C TRP A 429 16.15 8.01 7.15
N VAL A 430 16.38 7.64 8.41
CA VAL A 430 16.97 8.55 9.37
C VAL A 430 18.19 7.85 9.92
N VAL A 431 19.14 8.62 10.44
CA VAL A 431 20.31 7.98 11.01
C VAL A 431 19.97 7.68 12.46
N GLY A 432 19.83 6.40 12.77
CA GLY A 432 19.48 6.01 14.14
C GLY A 432 20.62 6.24 15.12
N GLU A 433 21.86 6.17 14.61
CA GLU A 433 23.06 6.37 15.43
C GLU A 433 24.32 6.24 14.56
N SER A 434 25.42 6.83 14.99
CA SER A 434 26.66 6.75 14.20
C SER A 434 27.88 7.27 14.95
N ASP A 435 29.07 6.76 14.61
CA ASP A 435 30.30 7.27 15.24
C ASP A 435 31.04 7.97 14.12
N ASN A 436 30.38 8.55 13.11
CA ASN A 436 30.92 9.23 11.94
C ASN A 436 31.60 8.23 10.99
N GLN A 437 31.70 6.94 11.52
CA GLN A 437 32.31 5.88 10.71
C GLN A 437 31.24 4.91 10.16
N THR A 438 30.50 4.27 11.06
CA THR A 438 29.43 3.37 10.66
C THR A 438 28.17 3.81 11.40
N ALA A 439 27.01 3.55 10.80
CA ALA A 439 25.75 3.95 11.39
C ALA A 439 24.66 2.89 11.23
N THR A 440 23.54 3.15 11.87
CA THR A 440 22.39 2.27 11.80
C THR A 440 21.24 3.13 11.30
N LEU A 441 20.66 2.71 10.19
CA LEU A 441 19.56 3.45 9.58
C LEU A 441 18.21 2.96 10.09
N ARG A 442 17.21 3.83 10.03
CA ARG A 442 15.86 3.51 10.46
C ARG A 442 14.94 3.90 9.31
N THR A 443 14.08 2.98 8.90
CA THR A 443 13.16 3.27 7.80
C THR A 443 11.91 2.40 7.92
N LEU A 444 11.00 2.51 6.95
CA LEU A 444 9.79 1.72 6.98
C LEU A 444 10.10 0.32 6.44
N GLY A 445 9.81 -0.69 7.26
CA GLY A 445 10.03 -2.07 6.84
C GLY A 445 8.76 -2.56 6.16
N ILE A 446 8.93 -3.22 5.01
CA ILE A 446 7.81 -3.75 4.24
C ILE A 446 8.07 -5.20 3.86
N THR A 447 7.29 -6.12 4.41
CA THR A 447 7.44 -7.52 4.08
C THR A 447 6.08 -8.13 3.84
N ILE A 448 6.05 -9.22 3.08
CA ILE A 448 4.81 -9.93 2.81
C ILE A 448 4.41 -10.48 4.18
N ALA A 449 3.13 -10.35 4.56
CA ALA A 449 2.69 -10.90 5.84
C ALA A 449 3.17 -12.35 5.87
N ARG A 450 3.87 -12.73 6.93
CA ARG A 450 4.47 -14.06 7.08
C ARG A 450 3.59 -15.26 6.74
N GLU A 451 2.35 -15.25 7.21
CA GLU A 451 1.47 -16.38 6.91
C GLU A 451 1.18 -16.49 5.42
N THR A 452 1.10 -15.35 4.74
CA THR A 452 0.83 -15.36 3.32
C THR A 452 2.07 -15.86 2.58
N LYS A 453 3.25 -15.41 3.03
CA LYS A 453 4.50 -15.83 2.41
C LYS A 453 4.65 -17.34 2.61
N ALA A 454 4.31 -17.82 3.79
CA ALA A 454 4.40 -19.25 4.08
C ALA A 454 3.49 -20.03 3.14
N ALA A 455 2.28 -19.52 2.93
CA ALA A 455 1.32 -20.19 2.05
C ALA A 455 1.77 -20.17 0.60
N LEU A 456 2.37 -19.08 0.17
CA LEU A 456 2.84 -18.99 -1.21
C LEU A 456 3.90 -20.04 -1.53
N LEU A 457 4.63 -20.48 -0.52
CA LEU A 457 5.71 -21.46 -0.70
C LEU A 457 5.39 -22.87 -0.27
N ALA A 458 4.41 -23.08 0.77
CA ALA A 458 4.02 -24.36 1.34
C ALA A 458 4.04 -25.55 0.39
N ASN A 459 3.30 -25.43 -0.71
CA ASN A 459 3.24 -26.58 -1.62
C ASN A 459 3.90 -26.32 -2.97
N GLY A 460 4.87 -25.43 -2.99
CA GLY A 460 5.52 -25.12 -4.25
C GLY A 460 6.68 -26.02 -4.62
N SER A 461 6.90 -26.17 -5.92
CA SER A 461 8.01 -26.96 -6.41
C SER A 461 9.22 -26.02 -6.44
N VAL A 462 10.30 -26.40 -5.76
CA VAL A 462 11.49 -25.57 -5.69
C VAL A 462 12.62 -25.98 -6.66
N THR A 463 13.10 -24.99 -7.41
CA THR A 463 14.18 -25.21 -8.37
C THR A 463 15.19 -24.11 -8.21
N ALA A 464 16.41 -24.49 -7.85
CA ALA A 464 17.47 -23.51 -7.65
C ALA A 464 18.38 -23.38 -8.86
N GLU A 465 19.01 -22.23 -8.99
CA GLU A 465 19.94 -21.97 -10.08
C GLU A 465 21.34 -21.82 -9.47
N GLU A 466 22.33 -22.29 -10.22
CA GLU A 466 23.73 -22.22 -9.79
C GLU A 466 24.18 -20.77 -9.68
N ASP A 467 24.92 -20.44 -8.63
CA ASP A 467 25.41 -19.07 -8.49
C ASP A 467 26.15 -18.79 -9.78
N ARG A 468 26.12 -17.54 -10.23
CA ARG A 468 26.72 -17.17 -11.49
C ARG A 468 27.19 -15.72 -11.49
N THR A 469 28.17 -15.42 -12.34
CA THR A 469 28.70 -14.07 -12.47
C THR A 469 28.57 -13.65 -13.92
N LEU A 470 28.23 -12.38 -14.13
CA LEU A 470 28.09 -11.84 -15.46
C LEU A 470 28.86 -10.54 -15.59
N GLN A 471 29.73 -10.48 -16.59
CA GLN A 471 30.54 -9.28 -16.83
C GLN A 471 30.12 -8.75 -18.18
N THR A 472 30.34 -9.56 -19.21
CA THR A 472 29.98 -9.16 -20.56
C THR A 472 28.45 -9.17 -20.64
N ALA A 473 27.89 -8.52 -21.64
CA ALA A 473 26.44 -8.48 -21.81
C ALA A 473 25.92 -9.88 -22.13
N ALA A 474 24.84 -10.27 -21.46
CA ALA A 474 24.29 -11.59 -21.69
C ALA A 474 22.86 -11.77 -21.18
N VAL A 475 22.13 -12.67 -21.83
CA VAL A 475 20.77 -13.03 -21.45
C VAL A 475 20.87 -14.55 -21.37
N VAL A 476 20.87 -15.08 -20.15
CA VAL A 476 21.04 -16.52 -19.96
C VAL A 476 19.83 -17.25 -19.37
N PRO A 477 19.22 -18.17 -20.15
CA PRO A 477 18.07 -18.89 -19.63
C PRO A 477 18.43 -19.76 -18.43
N PHE A 478 17.49 -19.88 -17.50
CA PHE A 478 17.67 -20.72 -16.31
C PHE A 478 17.78 -22.16 -16.81
N ALA A 479 18.33 -23.04 -15.99
CA ALA A 479 18.48 -24.44 -16.38
C ALA A 479 17.09 -25.02 -16.60
N GLN A 480 16.16 -24.65 -15.72
CA GLN A 480 14.79 -25.10 -15.79
C GLN A 480 13.93 -23.91 -15.41
N SER A 481 12.96 -23.55 -16.25
CA SER A 481 12.07 -22.42 -15.94
C SER A 481 10.69 -23.00 -15.60
N PRO A 482 9.86 -22.22 -14.89
CA PRO A 482 8.53 -22.75 -14.57
C PRO A 482 7.73 -22.93 -15.87
N SER A 483 6.63 -23.68 -15.78
CA SER A 483 5.78 -23.91 -16.93
C SER A 483 4.43 -23.23 -16.74
N SER A 484 4.35 -22.36 -15.75
CA SER A 484 3.12 -21.62 -15.46
C SER A 484 3.52 -20.22 -15.03
N LYS A 485 2.55 -19.33 -14.91
CA LYS A 485 2.84 -17.96 -14.52
C LYS A 485 2.53 -17.71 -13.06
N PHE A 486 2.72 -18.74 -12.24
CA PHE A 486 2.47 -18.65 -10.80
C PHE A 486 3.71 -19.11 -10.06
N PHE A 487 4.54 -18.16 -9.63
CA PHE A 487 5.76 -18.55 -8.92
C PHE A 487 6.36 -17.40 -8.12
N VAL A 488 7.36 -17.74 -7.31
CA VAL A 488 8.08 -16.77 -6.49
C VAL A 488 9.55 -16.89 -6.83
N LEU A 489 10.11 -15.81 -7.36
CA LEU A 489 11.51 -15.77 -7.72
C LEU A 489 12.30 -15.07 -6.62
N THR A 490 13.39 -15.70 -6.20
CA THR A 490 14.26 -15.12 -5.17
C THR A 490 15.69 -15.11 -5.67
N ALA A 491 16.41 -14.05 -5.33
CA ALA A 491 17.79 -13.90 -5.76
C ALA A 491 18.48 -12.77 -5.04
N GLN A 492 19.81 -12.87 -4.95
CA GLN A 492 20.62 -11.85 -4.33
C GLN A 492 21.65 -11.40 -5.37
N LEU A 493 21.73 -10.09 -5.61
CA LEU A 493 22.69 -9.57 -6.57
C LEU A 493 23.76 -8.78 -5.82
N GLU A 494 25.03 -9.09 -6.07
CA GLU A 494 26.13 -8.40 -5.40
C GLU A 494 26.92 -7.61 -6.44
N PHE A 495 27.07 -6.31 -6.20
CA PHE A 495 27.79 -5.43 -7.12
C PHE A 495 29.10 -4.90 -6.56
N PRO A 496 30.10 -4.70 -7.44
CA PRO A 496 31.38 -4.18 -6.93
C PRO A 496 31.26 -2.66 -6.77
N ALA A 497 32.09 -2.08 -5.91
CA ALA A 497 32.08 -0.65 -5.67
C ALA A 497 32.06 0.15 -6.98
N SER A 498 32.78 -0.34 -7.98
CA SER A 498 32.89 0.32 -9.28
C SER A 498 31.60 0.45 -10.09
N ALA A 499 30.59 -0.34 -9.73
CA ALA A 499 29.33 -0.32 -10.46
C ALA A 499 28.46 0.92 -10.21
N ARG A 500 28.68 1.62 -9.10
CA ARG A 500 27.87 2.80 -8.80
C ARG A 500 27.88 3.85 -9.89
N SER A 501 29.04 4.12 -10.46
CA SER A 501 29.18 5.12 -11.49
C SER A 501 28.93 4.59 -12.89
N SER A 502 28.69 3.30 -12.99
CA SER A 502 28.48 2.68 -14.29
C SER A 502 27.04 2.63 -14.80
N PRO A 503 26.88 2.41 -16.12
CA PRO A 503 25.56 2.34 -16.73
C PRO A 503 25.03 0.92 -16.55
N LEU A 504 25.51 0.25 -15.51
CA LEU A 504 25.10 -1.13 -15.22
C LEU A 504 23.60 -1.31 -15.04
N GLN A 505 23.10 -2.42 -15.59
CA GLN A 505 21.69 -2.82 -15.47
C GLN A 505 21.78 -4.35 -15.35
N SER A 506 21.33 -4.89 -14.22
CA SER A 506 21.39 -6.33 -13.99
C SER A 506 20.10 -6.84 -13.34
N GLY A 507 19.64 -7.99 -13.79
CA GLY A 507 18.42 -8.55 -13.23
C GLY A 507 18.01 -9.86 -13.88
N PHE A 508 16.76 -9.92 -14.32
CA PHE A 508 16.19 -11.10 -14.95
C PHE A 508 15.11 -10.70 -15.92
N GLU A 509 14.82 -11.62 -16.84
CA GLU A 509 13.72 -11.41 -17.76
C GLU A 509 12.79 -12.52 -17.29
N ILE A 510 11.50 -12.23 -17.20
CA ILE A 510 10.52 -13.22 -16.76
C ILE A 510 9.34 -13.22 -17.72
N LEU A 511 8.46 -14.20 -17.56
CA LEU A 511 7.27 -14.32 -18.41
C LEU A 511 7.72 -14.17 -19.86
N ALA A 512 8.77 -14.89 -20.20
CA ALA A 512 9.35 -14.78 -21.53
C ALA A 512 9.31 -15.98 -22.47
N SER A 513 9.25 -15.65 -23.76
CA SER A 513 9.25 -16.61 -24.85
C SER A 513 9.81 -15.79 -26.00
N GLU A 514 9.65 -16.28 -27.22
CA GLU A 514 10.18 -15.53 -28.36
C GLU A 514 9.46 -14.20 -28.62
N LEU A 515 8.15 -14.18 -28.46
CA LEU A 515 7.40 -12.97 -28.75
C LEU A 515 7.04 -12.10 -27.55
N GLU A 516 7.46 -12.50 -26.36
CA GLU A 516 7.17 -11.71 -25.17
C GLU A 516 8.23 -11.84 -24.10
N ARG A 517 8.34 -10.80 -23.27
CA ARG A 517 9.26 -10.82 -22.15
C ARG A 517 9.06 -9.60 -21.25
N THR A 518 9.32 -9.79 -19.97
CA THR A 518 9.21 -8.70 -19.01
C THR A 518 10.55 -8.66 -18.29
N ALA A 519 11.18 -7.49 -18.28
CA ALA A 519 12.48 -7.36 -17.64
C ALA A 519 12.39 -6.64 -16.31
N ILE A 520 13.14 -7.13 -15.33
CA ILE A 520 13.20 -6.56 -13.98
C ILE A 520 14.68 -6.48 -13.66
N TYR A 521 15.19 -5.27 -13.49
CA TYR A 521 16.62 -5.12 -13.20
C TYR A 521 16.94 -3.92 -12.34
N TYR A 522 18.11 -3.95 -11.72
CA TYR A 522 18.55 -2.82 -10.89
C TYR A 522 19.42 -1.94 -11.78
N GLN A 523 19.29 -0.64 -11.59
CA GLN A 523 20.01 0.34 -12.39
C GLN A 523 20.68 1.35 -11.45
N PHE A 524 22.01 1.48 -11.53
CA PHE A 524 22.73 2.41 -10.66
C PHE A 524 22.63 3.87 -11.09
N SER A 525 22.57 4.11 -12.40
CA SER A 525 22.48 5.46 -12.92
C SER A 525 21.51 6.32 -12.11
N ASN A 526 20.40 5.73 -11.69
CA ASN A 526 19.41 6.45 -10.89
C ASN A 526 18.92 5.56 -9.75
N GLU A 527 19.80 4.67 -9.32
CA GLU A 527 19.53 3.75 -8.20
C GLU A 527 18.07 3.34 -8.15
N SER A 528 17.64 2.59 -9.15
CA SER A 528 16.26 2.16 -9.23
C SER A 528 16.07 0.72 -9.67
N LEU A 529 14.97 0.13 -9.20
CA LEU A 529 14.60 -1.21 -9.61
C LEU A 529 13.61 -0.87 -10.71
N VAL A 530 13.77 -1.49 -11.87
CA VAL A 530 12.94 -1.20 -13.02
C VAL A 530 12.22 -2.41 -13.59
N VAL A 531 11.00 -2.20 -14.06
CA VAL A 531 10.25 -3.27 -14.72
C VAL A 531 9.94 -2.76 -16.11
N ASP A 532 10.70 -3.26 -17.08
CA ASP A 532 10.52 -2.89 -18.47
C ASP A 532 9.39 -3.74 -19.03
N ARG A 533 8.27 -3.10 -19.35
CA ARG A 533 7.11 -3.82 -19.87
C ARG A 533 6.89 -3.55 -21.35
N SER A 534 7.89 -2.99 -22.02
CA SER A 534 7.76 -2.68 -23.43
C SER A 534 7.49 -3.90 -24.32
N GLN A 535 7.88 -5.09 -23.85
CA GLN A 535 7.68 -6.33 -24.61
C GLN A 535 6.87 -7.37 -23.83
N THR A 536 6.27 -6.96 -22.72
CA THR A 536 5.52 -7.88 -21.90
C THR A 536 4.38 -8.62 -22.61
N SER A 537 3.57 -7.89 -23.39
CA SER A 537 2.41 -8.52 -24.03
C SER A 537 2.30 -8.38 -25.55
N ALA A 538 2.21 -9.52 -26.23
CA ALA A 538 2.09 -9.54 -27.68
C ALA A 538 0.80 -8.86 -28.14
N ALA A 539 -0.16 -8.71 -27.22
CA ALA A 539 -1.43 -8.08 -27.54
C ALA A 539 -1.44 -6.57 -27.32
N ALA A 540 -0.39 -6.06 -26.69
CA ALA A 540 -0.31 -4.63 -26.38
C ALA A 540 -0.25 -3.67 -27.56
N PRO A 541 0.58 -3.98 -28.59
CA PRO A 541 0.70 -3.11 -29.76
C PRO A 541 -0.63 -2.67 -30.40
N THR A 542 -1.60 -3.58 -30.45
CA THR A 542 -2.90 -3.30 -31.05
C THR A 542 -4.03 -3.06 -30.03
N ASN A 543 -3.70 -3.13 -28.74
CA ASN A 543 -4.68 -2.89 -27.69
C ASN A 543 -4.03 -1.95 -26.67
N PRO A 544 -4.18 -0.64 -26.89
CA PRO A 544 -3.63 0.41 -26.03
C PRO A 544 -4.02 0.35 -24.57
N GLY A 545 -5.16 -0.29 -24.28
CA GLY A 545 -5.63 -0.41 -22.90
C GLY A 545 -4.64 -1.15 -22.03
N LEU A 546 -3.79 -1.95 -22.67
CA LEU A 546 -2.76 -2.70 -21.96
C LEU A 546 -1.55 -1.79 -21.86
N ASP A 547 -1.49 -1.03 -20.77
CA ASP A 547 -0.38 -0.12 -20.55
C ASP A 547 0.94 -0.86 -20.62
N SER A 548 1.95 -0.24 -21.23
CA SER A 548 3.24 -0.90 -21.34
C SER A 548 4.41 0.01 -20.96
N PHE A 549 4.11 1.16 -20.35
CA PHE A 549 5.16 2.08 -19.94
C PHE A 549 6.00 1.46 -18.83
N THR A 550 7.24 1.91 -18.73
CA THR A 550 8.17 1.41 -17.72
C THR A 550 7.79 1.80 -16.30
N GLU A 551 7.86 0.83 -15.40
CA GLU A 551 7.57 1.03 -13.99
C GLU A 551 8.93 1.00 -13.29
N SER A 552 9.06 1.74 -12.20
CA SER A 552 10.33 1.72 -11.47
C SER A 552 10.27 2.44 -10.13
N GLY A 553 11.24 2.11 -9.28
CA GLY A 553 11.32 2.70 -7.97
C GLY A 553 12.75 2.86 -7.50
N LYS A 554 13.00 3.90 -6.72
CA LYS A 554 14.32 4.18 -6.20
C LYS A 554 14.67 3.22 -5.06
N LEU A 555 15.88 2.67 -5.11
CA LEU A 555 16.38 1.77 -4.07
C LEU A 555 17.89 1.99 -3.95
N ARG A 556 18.33 2.66 -2.88
CA ARG A 556 19.75 2.90 -2.70
C ARG A 556 20.43 1.76 -1.97
N LEU A 557 21.48 1.22 -2.58
CA LEU A 557 22.23 0.15 -1.94
C LEU A 557 23.41 0.84 -1.27
N PHE A 558 23.34 0.94 0.06
CA PHE A 558 24.37 1.60 0.84
C PHE A 558 25.69 0.85 0.91
N ASP A 559 26.73 1.55 1.36
CA ASP A 559 28.04 0.95 1.54
C ASP A 559 27.93 0.39 2.95
N VAL A 560 28.26 -0.88 3.13
CA VAL A 560 28.19 -1.51 4.44
C VAL A 560 29.47 -2.28 4.75
N ILE A 561 29.63 -2.66 6.01
CA ILE A 561 30.78 -3.46 6.43
C ILE A 561 30.13 -4.79 6.75
N GLU A 562 30.43 -5.81 5.97
CA GLU A 562 29.78 -7.10 6.20
C GLU A 562 30.65 -8.13 6.91
N ASN A 563 31.80 -8.46 6.33
CA ASN A 563 32.68 -9.43 6.96
C ASN A 563 33.98 -8.76 7.34
N GLY A 564 33.87 -7.54 7.83
CA GLY A 564 35.06 -6.79 8.20
C GLY A 564 35.49 -6.02 6.97
N GLN A 565 34.89 -6.39 5.84
CA GLN A 565 35.20 -5.74 4.58
C GLN A 565 34.02 -4.87 4.16
N GLU A 566 34.31 -3.75 3.49
CA GLU A 566 33.26 -2.86 3.01
C GLU A 566 32.82 -3.41 1.67
N GLN A 567 31.51 -3.39 1.43
CA GLN A 567 30.93 -3.86 0.17
C GLN A 567 29.68 -3.05 -0.12
N VAL A 568 29.18 -3.17 -1.34
CA VAL A 568 27.94 -2.49 -1.66
C VAL A 568 26.89 -3.43 -1.10
N GLU A 569 25.92 -2.88 -0.39
CA GLU A 569 24.86 -3.71 0.19
C GLU A 569 24.25 -4.67 -0.83
N THR A 570 23.99 -5.89 -0.39
CA THR A 570 23.42 -6.93 -1.25
C THR A 570 21.95 -6.64 -1.59
N LEU A 571 21.60 -6.80 -2.86
CA LEU A 571 20.24 -6.60 -3.33
C LEU A 571 19.53 -7.93 -3.12
N ASP A 572 18.63 -7.97 -2.14
CA ASP A 572 17.88 -9.16 -1.81
C ASP A 572 16.50 -9.05 -2.45
N LEU A 573 16.30 -9.71 -3.57
CA LEU A 573 15.05 -9.67 -4.31
C LEU A 573 14.08 -10.81 -4.10
N THR A 574 12.81 -10.46 -4.08
CA THR A 574 11.74 -11.43 -3.96
C THR A 574 10.68 -10.96 -4.96
N VAL A 575 10.49 -11.72 -6.04
CA VAL A 575 9.49 -11.33 -7.02
C VAL A 575 8.38 -12.36 -7.02
N VAL A 576 7.19 -11.90 -6.67
CA VAL A 576 6.02 -12.77 -6.63
C VAL A 576 5.22 -12.54 -7.90
N VAL A 577 5.06 -13.60 -8.67
CA VAL A 577 4.32 -13.50 -9.92
C VAL A 577 3.06 -14.35 -9.80
N ASP A 578 1.92 -13.67 -9.69
CA ASP A 578 0.62 -14.34 -9.56
C ASP A 578 -0.10 -14.02 -10.86
N ASN A 579 0.23 -14.76 -11.90
CA ASN A 579 -0.32 -14.53 -13.22
C ASN A 579 0.10 -13.10 -13.62
N ALA A 580 -0.84 -12.24 -13.99
CA ALA A 580 -0.51 -10.88 -14.41
C ALA A 580 -0.08 -9.93 -13.28
N VAL A 581 -0.38 -10.31 -12.04
CA VAL A 581 -0.02 -9.47 -10.90
C VAL A 581 1.44 -9.72 -10.48
N VAL A 582 2.29 -8.72 -10.70
CA VAL A 582 3.70 -8.85 -10.35
C VAL A 582 4.07 -7.91 -9.22
N GLU A 583 4.71 -8.46 -8.18
CA GLU A 583 5.13 -7.67 -7.03
C GLU A 583 6.62 -7.89 -6.78
N VAL A 584 7.38 -6.81 -6.92
CA VAL A 584 8.83 -6.87 -6.69
C VAL A 584 9.17 -6.29 -5.32
N TYR A 585 9.72 -7.14 -4.45
CA TYR A 585 10.12 -6.73 -3.10
C TYR A 585 11.63 -6.72 -3.02
N ALA A 586 12.18 -5.80 -2.24
CA ALA A 586 13.62 -5.72 -2.08
C ALA A 586 14.05 -5.27 -0.69
N ASN A 587 15.03 -5.98 -0.15
CA ASN A 587 15.62 -5.71 1.16
C ASN A 587 14.66 -5.36 2.30
N GLY A 588 13.47 -5.93 2.28
CA GLY A 588 12.51 -5.64 3.33
C GLY A 588 12.15 -4.16 3.53
N ARG A 589 12.39 -3.33 2.52
CA ARG A 589 12.08 -1.90 2.63
C ARG A 589 11.65 -1.31 1.29
N PHE A 590 11.32 -2.19 0.35
CA PHE A 590 10.95 -1.76 -0.99
C PHE A 590 9.91 -2.66 -1.66
N ALA A 591 8.98 -2.03 -2.35
CA ALA A 591 7.93 -2.74 -3.07
C ALA A 591 7.56 -1.97 -4.34
N LEU A 592 7.52 -2.68 -5.45
CA LEU A 592 7.13 -2.10 -6.74
C LEU A 592 6.19 -3.12 -7.37
N SER A 593 4.95 -2.73 -7.62
CA SER A 593 3.98 -3.65 -8.19
C SER A 593 3.36 -3.12 -9.48
N THR A 594 3.03 -4.04 -10.37
CA THR A 594 2.45 -3.67 -11.65
C THR A 594 1.70 -4.83 -12.31
N TRP A 595 1.15 -4.57 -13.49
CA TRP A 595 0.44 -5.58 -14.27
C TRP A 595 1.33 -6.04 -15.42
N ALA A 596 1.54 -7.35 -15.54
CA ALA A 596 2.35 -7.91 -16.62
C ALA A 596 1.41 -8.87 -17.35
N ARG A 597 0.60 -8.30 -18.25
CA ARG A 597 -0.39 -9.10 -18.98
C ARG A 597 0.12 -9.82 -20.23
N SER A 598 1.02 -10.77 -20.04
CA SER A 598 1.56 -11.55 -21.16
C SER A 598 0.41 -12.38 -21.75
N TRP A 599 0.53 -12.75 -23.01
CA TRP A 599 -0.51 -13.51 -23.71
C TRP A 599 -0.32 -15.02 -23.83
N TYR A 600 0.79 -15.42 -24.44
CA TYR A 600 1.09 -16.83 -24.66
C TYR A 600 1.29 -17.76 -23.46
N ASP A 601 0.75 -18.97 -23.55
CA ASP A 601 0.91 -19.95 -22.48
C ASP A 601 2.39 -20.25 -22.26
N ASN A 602 3.16 -20.21 -23.34
CA ASN A 602 4.59 -20.50 -23.32
C ASN A 602 5.50 -19.43 -22.74
N SER A 603 4.96 -18.24 -22.48
CA SER A 603 5.79 -17.17 -21.94
C SER A 603 5.99 -17.32 -20.45
N THR A 604 6.77 -18.33 -20.07
CA THR A 604 7.07 -18.64 -18.67
C THR A 604 8.57 -18.79 -18.43
N GLN A 605 9.38 -18.59 -19.46
CA GLN A 605 10.83 -18.70 -19.33
C GLN A 605 11.35 -17.59 -18.43
N ILE A 606 12.45 -17.87 -17.73
CA ILE A 606 13.11 -16.90 -16.87
C ILE A 606 14.58 -16.92 -17.28
N ARG A 607 15.19 -15.74 -17.37
CA ARG A 607 16.58 -15.63 -17.78
C ARG A 607 17.34 -14.61 -16.95
N PHE A 608 18.65 -14.86 -16.77
CA PHE A 608 19.55 -13.95 -16.07
C PHE A 608 19.76 -12.85 -17.09
N PHE A 609 19.91 -11.60 -16.65
CA PHE A 609 20.13 -10.50 -17.58
C PHE A 609 21.19 -9.55 -17.05
N HIS A 610 22.11 -9.12 -17.92
CA HIS A 610 23.18 -8.18 -17.57
C HIS A 610 23.56 -7.44 -18.85
N ASN A 611 23.61 -6.12 -18.78
CA ASN A 611 23.92 -5.31 -19.96
C ASN A 611 25.38 -5.12 -20.31
N GLY A 612 26.26 -5.87 -19.66
CA GLY A 612 27.67 -5.74 -19.97
C GLY A 612 28.38 -4.58 -19.31
N GLU A 613 27.62 -3.64 -18.76
CA GLU A 613 28.19 -2.49 -18.07
C GLU A 613 28.35 -2.86 -16.60
N GLY A 614 29.61 -2.92 -16.15
CA GLY A 614 29.86 -3.29 -14.78
C GLY A 614 29.88 -4.80 -14.68
N GLU A 615 29.75 -5.32 -13.46
CA GLU A 615 29.74 -6.75 -13.23
C GLU A 615 28.76 -7.06 -12.10
N VAL A 616 28.25 -8.29 -12.09
CA VAL A 616 27.30 -8.69 -11.06
C VAL A 616 27.45 -10.17 -10.70
N GLN A 617 27.23 -10.47 -9.43
CA GLN A 617 27.31 -11.84 -8.93
C GLN A 617 25.93 -12.23 -8.39
N PHE A 618 25.31 -13.21 -9.02
CA PHE A 618 24.00 -13.71 -8.58
C PHE A 618 24.25 -14.83 -7.58
N ARG A 619 23.49 -14.83 -6.48
CA ARG A 619 23.61 -15.86 -5.47
C ARG A 619 22.27 -16.22 -4.86
N ASN A 620 22.11 -17.48 -4.48
CA ASN A 620 20.87 -17.94 -3.84
C ASN A 620 19.65 -17.68 -4.71
N VAL A 621 19.79 -17.95 -6.00
CA VAL A 621 18.69 -17.78 -6.93
C VAL A 621 17.86 -19.05 -6.86
N SER A 622 16.54 -18.90 -6.77
CA SER A 622 15.65 -20.04 -6.70
C SER A 622 14.23 -19.66 -7.12
N VAL A 623 13.49 -20.66 -7.58
CA VAL A 623 12.11 -20.46 -8.02
C VAL A 623 11.16 -21.45 -7.37
N SER A 624 10.09 -20.93 -6.78
CA SER A 624 9.05 -21.75 -6.17
C SER A 624 7.85 -21.63 -7.09
N GLU A 625 7.38 -22.75 -7.64
CA GLU A 625 6.24 -22.72 -8.55
C GLU A 625 4.92 -23.26 -7.99
N GLY A 626 3.83 -22.54 -8.28
CA GLY A 626 2.52 -22.98 -7.85
C GLY A 626 1.71 -22.03 -6.98
N LEU A 627 2.35 -21.36 -6.04
CA LEU A 627 1.62 -20.47 -5.13
C LEU A 627 0.55 -21.26 -4.40
N TYR A 628 -0.64 -20.68 -4.24
CA TYR A 628 -1.73 -21.43 -3.63
C TYR A 628 -3.06 -20.75 -3.90
N ASN A 629 -4.16 -21.41 -3.56
CA ASN A 629 -5.50 -20.85 -3.79
C ASN A 629 -5.93 -20.05 -2.56
N ALA A 630 -6.06 -18.73 -2.71
CA ALA A 630 -6.47 -17.87 -1.59
C ALA A 630 -7.96 -17.92 -1.30
N TRP A 631 -8.73 -18.52 -2.21
CA TRP A 631 -10.18 -18.61 -2.04
C TRP A 631 -10.70 -20.03 -2.26
N PRO A 632 -10.44 -20.93 -1.29
CA PRO A 632 -10.81 -22.36 -1.28
C PRO A 632 -12.30 -22.64 -1.46
N GLU A 633 -13.15 -21.71 -1.02
CA GLU A 633 -14.58 -21.96 -1.14
C GLU A 633 -15.24 -21.46 -2.41
N ARG A 634 -14.51 -20.69 -3.22
CA ARG A 634 -15.11 -20.20 -4.45
C ARG A 634 -15.12 -21.29 -5.49
#